data_6LGQ
#
_entry.id   6LGQ
#
_cell.length_a   100.799
_cell.length_b   63.068
_cell.length_c   85.278
_cell.angle_alpha   90.000
_cell.angle_beta   102.528
_cell.angle_gamma   90.000
#
_symmetry.space_group_name_H-M   'C 1 2 1'
#
loop_
_entity.id
_entity.type
_entity.pdbx_description
1 polymer 'Histidine kinase KdpD'
2 polymer 'DNA-binding response regulator'
3 water water
#
loop_
_entity_poly.entity_id
_entity_poly.type
_entity_poly.pdbx_seq_one_letter_code
_entity_poly.pdbx_strand_id
1 'polypeptide(L)'
;HHHHHHSSGLVPRGSHMEQIRNALLAALSHDLRTPLTVLFGQAEILTLDLASEGSPHARQASEIRQHVLNTTRLVNNLLD
MARIQSGGFNLKKEWLTLEEVVGSALQMLEPGLSSPINLSLPEPLTLIHVDGPLFERVLINLLENAVKYAGAQAEIGIDA
HVEGENLQLDVWDNGPGLPPGQEQTIFDKFARGNKESAVPGVGLGLAICRAIVDVHGGTITAFNRPEGGACFRVTLPQQT
APELEEFHEDM
;
C
2 'polypeptide(L)'
;HHHHHHSSGLVPRGSHMTNVLIVEDEQAIRRFLRTALEGDGMRVFEAETLQRGLLEAATRKPDLIILDLGLPDGDGIEFI
RDLRQWSAVPVIVLSARSEESDKIAALDAGADDYLSKPFGIGELQARLRVALRRHSATTAPDPLVKFSDVTVDLAARVIH
RGEEEVHLTPIEFRLLAVLLNNAGKVLTQRQLLNQVWGPNAVEHSHYLRIYMGHLRQKLEQDPARPRHFITETGIGYRFM
L
;
D
#
# COMPACT_ATOMS: atom_id res chain seq x y z
N SER A 15 -34.99 13.71 -0.45
CA SER A 15 -34.13 14.89 -0.32
C SER A 15 -32.66 14.53 -0.38
N HIS A 16 -31.81 15.55 -0.45
CA HIS A 16 -30.37 15.36 -0.32
C HIS A 16 -29.91 15.43 1.12
N MET A 17 -30.86 15.41 2.08
CA MET A 17 -30.57 15.35 3.50
C MET A 17 -30.05 13.99 3.96
N GLU A 18 -29.86 13.04 3.04
CA GLU A 18 -29.04 11.88 3.33
C GLU A 18 -27.71 11.90 2.61
N GLN A 19 -27.57 12.66 1.53
CA GLN A 19 -26.25 12.93 0.99
C GLN A 19 -25.48 13.92 1.86
N ILE A 20 -26.19 14.77 2.61
CA ILE A 20 -25.54 15.60 3.62
C ILE A 20 -25.11 14.76 4.81
N ARG A 21 -25.93 13.79 5.21
CA ARG A 21 -25.54 12.89 6.28
C ARG A 21 -24.40 11.96 5.85
N ASN A 22 -24.45 11.46 4.61
CA ASN A 22 -23.41 10.58 4.11
C ASN A 22 -22.04 11.25 4.17
N ALA A 23 -21.95 12.49 3.70
CA ALA A 23 -20.68 13.21 3.75
C ALA A 23 -20.28 13.55 5.18
N LEU A 24 -21.26 13.78 6.06
CA LEU A 24 -20.95 14.01 7.47
C LEU A 24 -20.25 12.80 8.08
N LEU A 25 -20.70 11.58 7.71
CA LEU A 25 -20.02 10.37 8.13
C LEU A 25 -18.66 10.25 7.46
N ALA A 26 -18.59 10.51 6.16
CA ALA A 26 -17.32 10.44 5.46
C ALA A 26 -16.34 11.47 6.00
N ALA A 27 -16.84 12.64 6.43
CA ALA A 27 -15.96 13.72 6.90
C ALA A 27 -15.43 13.43 8.29
N LEU A 28 -16.32 13.07 9.23
CA LEU A 28 -15.89 12.75 10.58
C LEU A 28 -14.92 11.58 10.58
N SER A 29 -15.15 10.59 9.70
CA SER A 29 -14.22 9.48 9.58
C SER A 29 -12.84 9.95 9.14
N HIS A 30 -12.78 10.91 8.22
CA HIS A 30 -11.49 11.41 7.78
C HIS A 30 -10.81 12.25 8.86
N ASP A 31 -11.60 12.99 9.66
CA ASP A 31 -11.06 13.77 10.76
C ASP A 31 -10.48 12.90 11.87
N LEU A 32 -10.93 11.66 11.96
CA LEU A 32 -10.49 10.76 13.00
C LEU A 32 -9.06 10.27 12.81
N ARG A 33 -8.45 10.46 11.63
CA ARG A 33 -7.11 9.95 11.39
C ARG A 33 -6.03 10.81 12.03
N THR A 34 -6.26 12.13 12.12
CA THR A 34 -5.23 13.01 12.69
C THR A 34 -5.02 12.77 14.18
N PRO A 35 -6.06 12.60 15.01
CA PRO A 35 -5.78 12.23 16.41
C PRO A 35 -5.15 10.85 16.53
N LEU A 36 -5.53 9.91 15.68
CA LEU A 36 -4.87 8.61 15.72
C LEU A 36 -3.39 8.76 15.45
N THR A 37 -3.02 9.56 14.45
CA THR A 37 -1.61 9.81 14.18
C THR A 37 -0.90 10.31 15.41
N VAL A 38 -1.45 11.34 16.04
CA VAL A 38 -0.78 11.90 17.22
C VAL A 38 -0.72 10.86 18.33
N LEU A 39 -1.87 10.28 18.67
CA LEU A 39 -1.92 9.19 19.64
C LEU A 39 -0.95 8.07 19.32
N PHE A 40 -0.96 7.58 18.07
CA PHE A 40 -0.09 6.46 17.75
C PHE A 40 1.36 6.88 17.85
N GLY A 41 1.68 8.09 17.42
CA GLY A 41 3.05 8.56 17.54
C GLY A 41 3.46 8.72 18.98
N GLN A 42 2.64 9.44 19.75
CA GLN A 42 2.96 9.69 21.16
C GLN A 42 3.02 8.39 21.94
N ALA A 43 2.20 7.40 21.59
CA ALA A 43 2.25 6.12 22.28
C ALA A 43 3.56 5.39 22.01
N GLU A 44 3.97 5.30 20.74
CA GLU A 44 5.24 4.66 20.41
C GLU A 44 6.41 5.29 21.15
N ILE A 45 6.50 6.63 21.12
CA ILE A 45 7.59 7.32 21.81
C ILE A 45 7.57 6.99 23.30
N LEU A 46 6.40 7.05 23.94
CA LEU A 46 6.30 6.62 25.33
C LEU A 46 6.77 5.18 25.48
N THR A 47 6.14 4.28 24.74
CA THR A 47 6.53 2.87 24.72
C THR A 47 8.05 2.70 24.69
N LEU A 48 8.72 3.42 23.79
CA LEU A 48 10.18 3.33 23.73
C LEU A 48 10.83 4.00 24.93
N ASP A 49 10.60 5.30 25.10
CA ASP A 49 11.18 6.10 26.19
C ASP A 49 11.08 5.39 27.53
N LEU A 50 9.96 4.71 27.77
CA LEU A 50 9.77 4.04 29.05
C LEU A 50 10.52 2.71 29.11
N ALA A 51 10.59 1.98 27.99
CA ALA A 51 11.36 0.74 27.96
C ALA A 51 12.83 0.99 27.72
N SER A 52 13.21 2.18 27.25
CA SER A 52 14.61 2.58 27.27
C SER A 52 15.12 2.63 28.70
N GLU A 53 14.44 3.39 29.55
CA GLU A 53 14.76 3.43 30.97
C GLU A 53 14.25 2.16 31.63
N GLY A 54 14.33 2.08 32.95
CA GLY A 54 13.93 0.87 33.64
C GLY A 54 12.51 0.96 34.17
N SER A 55 11.60 1.47 33.35
CA SER A 55 10.31 1.92 33.88
C SER A 55 9.31 0.77 33.89
N PRO A 56 8.64 0.54 35.03
CA PRO A 56 7.63 -0.54 35.08
C PRO A 56 6.44 -0.27 34.19
N HIS A 57 6.15 1.01 33.98
CA HIS A 57 4.99 1.42 33.20
C HIS A 57 5.15 1.19 31.72
N ALA A 58 6.36 0.83 31.26
CA ALA A 58 6.55 0.57 29.84
C ALA A 58 5.50 -0.42 29.33
N ARG A 59 5.16 -1.41 30.15
CA ARG A 59 4.05 -2.30 29.81
C ARG A 59 2.80 -1.48 29.47
N GLN A 60 2.49 -0.49 30.31
CA GLN A 60 1.25 0.26 30.15
C GLN A 60 1.28 1.12 28.88
N ALA A 61 2.42 1.74 28.58
CA ALA A 61 2.56 2.44 27.31
C ALA A 61 2.36 1.49 26.14
N SER A 62 3.00 0.32 26.19
CA SER A 62 2.88 -0.64 25.10
C SER A 62 1.43 -1.05 24.89
N GLU A 63 0.72 -1.36 25.98
CA GLU A 63 -0.69 -1.75 25.85
C GLU A 63 -1.50 -0.63 25.22
N ILE A 64 -1.17 0.62 25.52
CA ILE A 64 -1.87 1.74 24.92
C ILE A 64 -1.61 1.78 23.43
N ARG A 65 -0.36 1.60 23.02
CA ARG A 65 -0.04 1.49 21.60
C ARG A 65 -1.00 0.54 20.90
N GLN A 66 -1.09 -0.70 21.41
CA GLN A 66 -1.89 -1.73 20.73
C GLN A 66 -3.33 -1.27 20.55
N HIS A 67 -3.93 -0.73 21.61
CA HIS A 67 -5.30 -0.27 21.50
C HIS A 67 -5.47 0.92 20.58
N VAL A 68 -4.37 1.60 20.20
CA VAL A 68 -4.48 2.60 19.14
C VAL A 68 -4.44 1.94 17.77
N LEU A 69 -3.64 0.88 17.60
CA LEU A 69 -3.71 0.09 16.38
C LEU A 69 -5.12 -0.43 16.16
N ASN A 70 -5.62 -1.23 17.10
CA ASN A 70 -6.99 -1.76 17.02
C ASN A 70 -7.99 -0.66 16.65
N THR A 71 -7.89 0.48 17.31
CA THR A 71 -8.76 1.60 16.99
C THR A 71 -8.59 2.03 15.54
N THR A 72 -7.34 2.17 15.08
CA THR A 72 -7.13 2.69 13.74
C THR A 72 -7.58 1.70 12.68
N ARG A 73 -7.45 0.40 12.92
CA ARG A 73 -8.05 -0.58 12.02
C ARG A 73 -9.56 -0.34 11.93
N LEU A 74 -10.24 -0.36 13.08
CA LEU A 74 -11.68 -0.15 13.07
C LEU A 74 -12.06 1.13 12.34
N VAL A 75 -11.17 2.12 12.32
CA VAL A 75 -11.48 3.36 11.63
C VAL A 75 -11.19 3.23 10.14
N ASN A 76 -10.07 2.58 9.80
CA ASN A 76 -9.77 2.32 8.39
C ASN A 76 -10.81 1.43 7.72
N ASN A 77 -11.60 0.70 8.50
CA ASN A 77 -12.75 -0.01 7.95
C ASN A 77 -13.94 0.91 7.83
N LEU A 78 -14.10 1.81 8.80
CA LEU A 78 -15.20 2.75 8.80
C LEU A 78 -15.03 3.84 7.76
N LEU A 79 -13.81 4.05 7.26
CA LEU A 79 -13.56 5.08 6.26
C LEU A 79 -13.77 4.54 4.84
N ASP A 80 -13.28 3.33 4.57
CA ASP A 80 -13.60 2.68 3.30
C ASP A 80 -15.11 2.49 3.14
N MET A 81 -15.80 2.17 4.23
CA MET A 81 -17.25 2.04 4.18
C MET A 81 -17.92 3.33 3.73
N ALA A 82 -17.76 4.40 4.51
CA ALA A 82 -18.33 5.68 4.12
C ALA A 82 -17.81 6.14 2.76
N ARG A 83 -16.60 5.71 2.40
CA ARG A 83 -16.10 5.95 1.05
C ARG A 83 -17.05 5.39 0.00
N ILE A 84 -17.51 4.16 0.19
CA ILE A 84 -18.37 3.49 -0.78
C ILE A 84 -19.83 3.67 -0.39
N GLN A 85 -20.11 4.64 0.49
CA GLN A 85 -21.49 4.99 0.76
C GLN A 85 -22.08 5.95 -0.26
N SER A 86 -21.24 6.59 -1.07
CA SER A 86 -21.74 7.42 -2.16
C SER A 86 -21.89 6.61 -3.45
N GLY A 87 -22.59 5.49 -3.35
CA GLY A 87 -22.85 4.61 -4.49
C GLY A 87 -21.63 3.92 -5.05
N GLY A 88 -20.44 4.31 -4.59
CA GLY A 88 -19.22 3.70 -5.07
C GLY A 88 -18.68 4.27 -6.37
N PHE A 89 -18.82 5.58 -6.59
CA PHE A 89 -18.05 6.26 -7.62
C PHE A 89 -16.85 6.97 -6.99
N ASN A 90 -16.40 6.47 -5.85
CA ASN A 90 -15.07 6.71 -5.30
C ASN A 90 -14.14 5.57 -5.70
N LEU A 91 -14.32 5.03 -6.90
CA LEU A 91 -13.76 3.75 -7.33
C LEU A 91 -12.90 3.92 -8.57
N LYS A 92 -11.57 3.89 -8.41
CA LYS A 92 -10.63 3.92 -9.53
C LYS A 92 -10.19 2.50 -9.84
N LYS A 93 -10.77 1.90 -10.88
CA LYS A 93 -10.58 0.47 -11.18
C LYS A 93 -9.59 0.31 -12.33
N GLU A 94 -8.31 0.21 -12.00
CA GLU A 94 -7.30 -0.11 -13.00
C GLU A 94 -7.29 -1.62 -13.28
N TRP A 95 -6.56 -2.01 -14.33
CA TRP A 95 -6.39 -3.41 -14.70
C TRP A 95 -5.12 -3.92 -14.05
N LEU A 96 -5.25 -4.90 -13.16
CA LEU A 96 -4.14 -5.38 -12.35
C LEU A 96 -3.94 -6.87 -12.55
N THR A 97 -2.68 -7.25 -12.75
CA THR A 97 -2.26 -8.63 -12.57
C THR A 97 -2.86 -9.23 -11.30
N LEU A 98 -3.49 -10.38 -11.45
CA LEU A 98 -4.08 -11.04 -10.29
C LEU A 98 -3.00 -11.44 -9.30
N GLU A 99 -1.84 -11.84 -9.81
CA GLU A 99 -0.72 -12.21 -8.96
C GLU A 99 -0.38 -11.09 -7.99
N GLU A 100 -0.28 -9.85 -8.49
CA GLU A 100 0.14 -8.75 -7.64
C GLU A 100 -0.95 -8.28 -6.69
N VAL A 101 -2.22 -8.47 -7.03
CA VAL A 101 -3.28 -8.21 -6.07
C VAL A 101 -3.15 -9.14 -4.88
N VAL A 102 -3.09 -10.45 -5.15
CA VAL A 102 -2.95 -11.44 -4.09
C VAL A 102 -1.67 -11.22 -3.32
N GLY A 103 -0.54 -11.12 -4.02
CA GLY A 103 0.75 -10.91 -3.36
C GLY A 103 0.75 -9.71 -2.44
N SER A 104 -0.01 -8.67 -2.78
CA SER A 104 -0.09 -7.48 -1.95
C SER A 104 -0.86 -7.74 -0.65
N ALA A 105 -1.88 -8.59 -0.68
CA ALA A 105 -2.57 -8.92 0.56
C ALA A 105 -1.74 -9.88 1.40
N LEU A 106 -1.05 -10.81 0.73
CA LEU A 106 -0.19 -11.74 1.44
C LEU A 106 0.84 -11.01 2.29
N GLN A 107 1.48 -9.99 1.75
CA GLN A 107 2.52 -9.29 2.51
C GLN A 107 1.94 -8.61 3.75
N MET A 108 0.66 -8.26 3.72
CA MET A 108 0.08 -7.55 4.85
C MET A 108 -0.44 -8.47 5.96
N LEU A 109 -0.46 -9.78 5.78
CA LEU A 109 -0.73 -10.64 6.93
C LEU A 109 0.07 -11.94 6.99
N GLU A 110 0.68 -12.39 5.90
CA GLU A 110 1.37 -13.68 5.92
C GLU A 110 2.61 -13.68 6.81
N PRO A 111 3.33 -12.54 6.98
CA PRO A 111 4.45 -12.51 7.93
C PRO A 111 4.13 -13.10 9.29
N GLY A 112 3.12 -12.58 9.98
CA GLY A 112 2.78 -13.06 11.30
C GLY A 112 1.84 -14.25 11.26
N LEU A 113 2.23 -15.30 10.54
CA LEU A 113 1.43 -16.50 10.42
C LEU A 113 2.33 -17.71 10.57
N SER A 114 1.69 -18.87 10.79
CA SER A 114 2.42 -20.10 11.02
C SER A 114 2.90 -20.71 9.71
N SER A 115 1.98 -20.97 8.79
CA SER A 115 2.29 -21.45 7.45
C SER A 115 1.70 -20.52 6.40
N PRO A 116 2.23 -20.53 5.18
CA PRO A 116 1.69 -19.66 4.13
C PRO A 116 0.34 -20.12 3.64
N ILE A 117 -0.37 -19.19 3.01
CA ILE A 117 -1.64 -19.51 2.37
C ILE A 117 -1.37 -20.35 1.13
N ASN A 118 -2.17 -21.39 0.92
CA ASN A 118 -2.04 -22.20 -0.29
C ASN A 118 -2.58 -21.40 -1.47
N LEU A 119 -1.69 -20.89 -2.31
CA LEU A 119 -2.13 -20.18 -3.51
C LEU A 119 -2.34 -21.15 -4.66
N SER A 120 -3.40 -20.90 -5.42
CA SER A 120 -3.68 -21.64 -6.66
C SER A 120 -4.10 -20.62 -7.70
N LEU A 121 -3.13 -20.12 -8.46
CA LEU A 121 -3.40 -19.24 -9.61
C LEU A 121 -2.91 -19.90 -10.88
N PRO A 122 -3.79 -20.41 -11.73
CA PRO A 122 -3.32 -21.05 -12.97
C PRO A 122 -2.66 -20.07 -13.93
N GLU A 123 -3.33 -18.96 -14.22
CA GLU A 123 -2.85 -17.96 -15.16
C GLU A 123 -2.58 -16.64 -14.42
N PRO A 124 -1.51 -16.59 -13.63
CA PRO A 124 -1.32 -15.49 -12.66
C PRO A 124 -1.40 -14.10 -13.26
N LEU A 125 -0.96 -13.94 -14.50
CA LEU A 125 -0.92 -12.65 -15.15
C LEU A 125 -2.24 -12.31 -15.84
N THR A 126 -3.33 -12.94 -15.41
CA THR A 126 -4.66 -12.44 -15.72
C THR A 126 -4.76 -10.99 -15.33
N LEU A 127 -5.41 -10.18 -16.17
CA LEU A 127 -5.76 -8.83 -15.77
C LEU A 127 -7.14 -8.86 -15.14
N ILE A 128 -7.25 -8.26 -13.96
CA ILE A 128 -8.50 -8.12 -13.24
C ILE A 128 -8.80 -6.64 -13.14
N HIS A 129 -10.08 -6.28 -13.28
CA HIS A 129 -10.53 -4.89 -13.19
C HIS A 129 -11.07 -4.68 -11.78
N VAL A 130 -10.25 -4.08 -10.91
CA VAL A 130 -10.68 -3.71 -9.56
C VAL A 130 -10.05 -2.39 -9.14
N ASP A 131 -10.68 -1.75 -8.16
CA ASP A 131 -10.11 -0.63 -7.42
C ASP A 131 -9.10 -1.21 -6.44
N GLY A 132 -7.83 -1.27 -6.88
CA GLY A 132 -6.76 -2.05 -6.26
C GLY A 132 -6.81 -2.04 -4.73
N PRO A 133 -6.72 -0.88 -4.06
CA PRO A 133 -6.65 -0.92 -2.59
C PRO A 133 -7.91 -1.47 -1.96
N LEU A 134 -9.08 -1.13 -2.49
CA LEU A 134 -10.34 -1.55 -1.90
C LEU A 134 -10.51 -3.06 -2.02
N PHE A 135 -10.09 -3.62 -3.15
CA PHE A 135 -10.16 -5.05 -3.37
C PHE A 135 -9.05 -5.82 -2.66
N GLU A 136 -7.94 -5.16 -2.35
CA GLU A 136 -6.99 -5.74 -1.41
C GLU A 136 -7.60 -5.89 -0.02
N ARG A 137 -8.48 -4.96 0.37
CA ARG A 137 -9.15 -5.06 1.65
C ARG A 137 -10.03 -6.30 1.69
N VAL A 138 -10.55 -6.72 0.54
CA VAL A 138 -11.42 -7.87 0.51
C VAL A 138 -10.64 -9.14 0.80
N LEU A 139 -9.48 -9.27 0.18
CA LEU A 139 -8.64 -10.44 0.40
C LEU A 139 -8.21 -10.53 1.87
N ILE A 140 -7.73 -9.43 2.43
CA ILE A 140 -7.25 -9.46 3.80
C ILE A 140 -8.37 -9.89 4.75
N ASN A 141 -9.56 -9.33 4.56
CA ASN A 141 -10.65 -9.66 5.47
C ASN A 141 -11.10 -11.10 5.32
N LEU A 142 -11.22 -11.57 4.08
CA LEU A 142 -11.55 -12.98 3.87
C LEU A 142 -10.47 -13.89 4.44
N LEU A 143 -9.21 -13.50 4.28
CA LEU A 143 -8.14 -14.26 4.90
C LEU A 143 -8.22 -14.19 6.42
N GLU A 144 -8.32 -12.98 6.98
CA GLU A 144 -8.31 -12.83 8.43
C GLU A 144 -9.48 -13.56 9.08
N ASN A 145 -10.64 -13.55 8.43
CA ASN A 145 -11.77 -14.31 8.96
C ASN A 145 -11.46 -15.81 9.00
N ALA A 146 -10.76 -16.32 7.97
CA ALA A 146 -10.27 -17.68 8.03
C ALA A 146 -9.29 -17.85 9.18
N VAL A 147 -8.32 -16.93 9.29
CA VAL A 147 -7.30 -17.04 10.32
C VAL A 147 -7.90 -16.98 11.72
N LYS A 148 -9.02 -16.26 11.88
CA LYS A 148 -9.60 -16.08 13.21
C LYS A 148 -10.45 -17.28 13.62
N TYR A 149 -11.17 -17.88 12.66
CA TYR A 149 -12.21 -18.86 12.98
C TYR A 149 -11.95 -20.25 12.44
N ALA A 150 -10.92 -20.46 11.61
CA ALA A 150 -10.61 -21.79 11.11
C ALA A 150 -9.76 -22.60 12.07
N GLY A 151 -9.28 -22.01 13.15
CA GLY A 151 -8.49 -22.75 14.13
C GLY A 151 -7.02 -22.73 13.83
N ALA A 152 -6.20 -22.78 14.88
CA ALA A 152 -4.77 -22.88 14.69
C ALA A 152 -4.44 -24.13 13.90
N GLN A 153 -3.35 -24.08 13.14
CA GLN A 153 -2.97 -25.13 12.20
C GLN A 153 -3.99 -25.33 11.08
N ALA A 154 -4.83 -24.34 10.81
CA ALA A 154 -5.76 -24.48 9.70
C ALA A 154 -5.01 -24.36 8.38
N GLU A 155 -5.62 -24.89 7.32
CA GLU A 155 -5.09 -24.78 5.97
C GLU A 155 -5.99 -23.81 5.22
N ILE A 156 -5.50 -22.59 5.02
CA ILE A 156 -6.22 -21.53 4.31
C ILE A 156 -5.64 -21.44 2.90
N GLY A 157 -6.51 -21.12 1.92
CA GLY A 157 -6.03 -21.02 0.56
C GLY A 157 -6.78 -19.98 -0.26
N ILE A 158 -6.27 -19.77 -1.47
CA ILE A 158 -6.87 -18.87 -2.45
C ILE A 158 -6.83 -19.54 -3.83
N ASP A 159 -7.99 -19.62 -4.48
CA ASP A 159 -8.12 -20.21 -5.82
C ASP A 159 -8.78 -19.21 -6.75
N ALA A 160 -8.20 -18.99 -7.94
CA ALA A 160 -8.68 -17.93 -8.85
C ALA A 160 -8.69 -18.40 -10.31
N HIS A 161 -9.85 -18.88 -10.75
CA HIS A 161 -10.07 -19.36 -12.11
C HIS A 161 -10.67 -18.23 -12.97
N VAL A 162 -11.27 -18.61 -14.11
CA VAL A 162 -12.19 -17.77 -14.88
C VAL A 162 -13.27 -18.67 -15.47
N GLU A 163 -14.54 -18.42 -15.14
CA GLU A 163 -15.62 -19.30 -15.55
C GLU A 163 -16.29 -18.86 -16.85
N GLY A 164 -16.92 -17.69 -16.86
CA GLY A 164 -17.34 -17.05 -18.08
C GLY A 164 -16.32 -15.98 -18.39
N GLU A 165 -16.74 -14.76 -18.65
CA GLU A 165 -15.85 -13.64 -18.37
C GLU A 165 -16.14 -13.07 -16.98
N ASN A 166 -16.16 -13.99 -16.03
CA ASN A 166 -16.26 -13.69 -14.62
C ASN A 166 -15.05 -14.29 -13.92
N LEU A 167 -14.35 -13.46 -13.15
CA LEU A 167 -13.27 -13.93 -12.30
C LEU A 167 -13.88 -14.60 -11.06
N GLN A 168 -13.54 -15.86 -10.84
CA GLN A 168 -13.99 -16.60 -9.67
C GLN A 168 -12.84 -16.71 -8.69
N LEU A 169 -13.01 -16.18 -7.48
CA LEU A 169 -11.95 -16.15 -6.48
C LEU A 169 -12.49 -16.73 -5.19
N ASP A 170 -11.80 -17.74 -4.66
CA ASP A 170 -12.29 -18.53 -3.54
C ASP A 170 -11.29 -18.47 -2.40
N VAL A 171 -11.75 -18.02 -1.23
CA VAL A 171 -10.93 -18.01 -0.02
C VAL A 171 -11.46 -19.13 0.86
N TRP A 172 -10.77 -20.26 0.84
CA TRP A 172 -11.23 -21.49 1.49
C TRP A 172 -10.35 -21.83 2.67
N ASP A 173 -10.92 -22.63 3.58
CA ASP A 173 -10.21 -23.22 4.70
C ASP A 173 -10.83 -24.56 5.01
N ASN A 174 -10.07 -25.42 5.68
CA ASN A 174 -10.68 -26.49 6.46
C ASN A 174 -11.10 -25.88 7.79
N GLY A 175 -11.49 -26.70 8.75
CA GLY A 175 -12.02 -26.16 9.97
C GLY A 175 -13.54 -26.19 9.95
N PRO A 176 -14.16 -25.54 10.93
CA PRO A 176 -15.58 -25.83 11.21
C PRO A 176 -16.49 -25.63 10.01
N GLY A 177 -16.37 -24.49 9.32
CA GLY A 177 -17.30 -24.13 8.29
C GLY A 177 -18.60 -23.58 8.84
N LEU A 178 -19.48 -23.18 7.93
CA LEU A 178 -20.71 -22.50 8.29
C LEU A 178 -21.77 -23.48 8.78
N PRO A 179 -22.73 -23.02 9.58
CA PRO A 179 -23.90 -23.85 9.91
C PRO A 179 -24.69 -24.20 8.66
N PRO A 180 -24.94 -25.49 8.41
CA PRO A 180 -25.43 -25.91 7.08
C PRO A 180 -26.71 -25.23 6.64
N GLY A 181 -27.63 -24.96 7.56
CA GLY A 181 -28.91 -24.38 7.23
C GLY A 181 -28.84 -23.15 6.36
N GLN A 182 -28.19 -22.09 6.85
CA GLN A 182 -28.15 -20.81 6.13
C GLN A 182 -26.71 -20.30 6.18
N GLU A 183 -25.96 -20.62 5.12
CA GLU A 183 -24.60 -20.14 4.98
C GLU A 183 -24.55 -18.71 4.45
N GLN A 184 -25.62 -18.22 3.84
CA GLN A 184 -25.68 -16.83 3.38
C GLN A 184 -26.35 -15.91 4.37
N THR A 185 -26.70 -16.42 5.55
CA THR A 185 -26.97 -15.54 6.67
C THR A 185 -25.69 -15.08 7.34
N ILE A 186 -24.60 -15.84 7.20
CA ILE A 186 -23.36 -15.54 7.90
C ILE A 186 -22.86 -14.13 7.62
N PHE A 187 -23.39 -13.49 6.57
CA PHE A 187 -23.06 -12.10 6.26
C PHE A 187 -23.82 -11.11 7.14
N ASP A 188 -24.41 -11.59 8.24
CA ASP A 188 -25.20 -10.77 9.14
C ASP A 188 -24.62 -10.91 10.55
N LYS A 189 -23.72 -9.99 10.89
CA LYS A 189 -23.26 -9.76 12.25
C LYS A 189 -24.43 -9.47 13.19
N VAL A 202 -19.90 -14.78 14.67
CA VAL A 202 -19.96 -13.39 15.09
C VAL A 202 -18.92 -12.58 14.33
N GLY A 203 -19.26 -11.34 13.98
CA GLY A 203 -18.26 -10.48 13.38
C GLY A 203 -18.60 -9.87 12.02
N LEU A 204 -18.21 -8.62 11.85
CA LEU A 204 -18.20 -7.93 10.57
C LEU A 204 -17.05 -8.46 9.73
N GLY A 205 -16.78 -7.81 8.60
CA GLY A 205 -15.58 -8.12 7.85
C GLY A 205 -15.92 -9.03 6.69
N LEU A 206 -16.74 -10.04 6.94
CA LEU A 206 -17.50 -10.63 5.85
C LEU A 206 -18.43 -9.59 5.23
N ALA A 207 -19.28 -8.98 6.05
CA ALA A 207 -20.19 -7.94 5.57
C ALA A 207 -19.44 -6.83 4.86
N ILE A 208 -18.28 -6.43 5.37
CA ILE A 208 -17.48 -5.43 4.68
C ILE A 208 -17.02 -5.94 3.33
N CYS A 209 -16.77 -7.25 3.22
CA CYS A 209 -16.35 -7.80 1.94
C CYS A 209 -17.47 -7.72 0.91
N ARG A 210 -18.67 -8.16 1.30
CA ARG A 210 -19.83 -8.04 0.42
C ARG A 210 -20.00 -6.60 -0.05
N ALA A 211 -20.19 -5.69 0.91
CA ALA A 211 -20.33 -4.26 0.65
C ALA A 211 -19.30 -3.75 -0.36
N ILE A 212 -18.03 -4.17 -0.23
CA ILE A 212 -17.01 -3.69 -1.17
C ILE A 212 -17.15 -4.35 -2.54
N VAL A 213 -17.39 -5.67 -2.58
CA VAL A 213 -17.46 -6.32 -3.89
C VAL A 213 -18.81 -6.09 -4.55
N ASP A 214 -19.86 -5.81 -3.78
CA ASP A 214 -21.12 -5.39 -4.38
C ASP A 214 -20.91 -4.14 -5.20
N VAL A 215 -20.30 -3.12 -4.59
CA VAL A 215 -19.96 -1.88 -5.28
C VAL A 215 -19.08 -2.10 -6.52
N HIS A 216 -18.39 -3.23 -6.60
CA HIS A 216 -17.57 -3.54 -7.76
C HIS A 216 -18.34 -4.17 -8.91
N GLY A 217 -19.59 -4.60 -8.67
CA GLY A 217 -20.41 -5.22 -9.69
C GLY A 217 -20.66 -6.69 -9.47
N GLY A 218 -19.92 -7.33 -8.56
CA GLY A 218 -20.03 -8.76 -8.34
C GLY A 218 -20.78 -9.11 -7.07
N THR A 219 -20.71 -10.39 -6.72
CA THR A 219 -21.34 -10.90 -5.51
C THR A 219 -20.37 -11.81 -4.77
N ILE A 220 -20.79 -12.26 -3.59
CA ILE A 220 -19.97 -13.12 -2.76
C ILE A 220 -20.89 -14.12 -2.09
N THR A 221 -20.66 -15.40 -2.33
CA THR A 221 -21.42 -16.47 -1.72
C THR A 221 -20.50 -17.30 -0.83
N ALA A 222 -21.08 -17.99 0.13
CA ALA A 222 -20.33 -18.85 1.03
C ALA A 222 -20.94 -20.23 1.02
N PHE A 223 -20.07 -21.24 1.04
CA PHE A 223 -20.54 -22.61 1.11
C PHE A 223 -19.54 -23.44 1.89
N ASN A 224 -20.02 -24.54 2.46
CA ASN A 224 -19.10 -25.52 3.01
C ASN A 224 -18.44 -26.32 1.89
N ARG A 225 -17.16 -26.58 2.06
CA ARG A 225 -16.54 -27.44 1.07
C ARG A 225 -16.96 -28.88 1.30
N PRO A 226 -17.06 -29.67 0.23
CA PRO A 226 -17.23 -31.12 0.43
C PRO A 226 -16.10 -31.71 1.24
N GLU A 227 -14.88 -31.27 0.97
CA GLU A 227 -13.72 -31.71 1.73
C GLU A 227 -13.87 -31.38 3.21
N GLY A 228 -14.52 -30.26 3.52
CA GLY A 228 -14.66 -29.81 4.89
C GLY A 228 -14.17 -28.40 5.07
N GLY A 229 -14.90 -27.61 5.86
CA GLY A 229 -14.58 -26.21 6.07
C GLY A 229 -15.37 -25.30 5.15
N ALA A 230 -15.07 -24.01 5.28
CA ALA A 230 -15.80 -22.97 4.56
C ALA A 230 -15.02 -22.51 3.34
N CYS A 231 -15.75 -22.17 2.27
CA CYS A 231 -15.18 -21.46 1.14
C CYS A 231 -15.98 -20.20 0.91
N PHE A 232 -15.29 -19.12 0.55
CA PHE A 232 -15.91 -17.85 0.23
C PHE A 232 -15.57 -17.49 -1.21
N ARG A 233 -16.61 -17.37 -2.03
CA ARG A 233 -16.47 -17.26 -3.48
C ARG A 233 -16.80 -15.84 -3.91
N VAL A 234 -15.82 -15.16 -4.53
CA VAL A 234 -15.97 -13.81 -5.03
C VAL A 234 -16.01 -13.87 -6.55
N THR A 235 -17.13 -13.45 -7.14
CA THR A 235 -17.26 -13.44 -8.59
C THR A 235 -17.41 -12.00 -9.03
N LEU A 236 -16.68 -11.63 -10.08
CA LEU A 236 -16.65 -10.28 -10.59
C LEU A 236 -16.98 -10.27 -12.08
N PRO A 237 -17.76 -9.30 -12.55
CA PRO A 237 -17.88 -9.10 -13.99
C PRO A 237 -16.59 -8.49 -14.54
N GLN A 238 -16.18 -8.94 -15.71
CA GLN A 238 -14.93 -8.52 -16.34
C GLN A 238 -15.23 -8.17 -17.80
N GLN A 239 -15.51 -6.89 -18.06
CA GLN A 239 -16.03 -6.49 -19.37
C GLN A 239 -15.11 -6.90 -20.51
N THR A 240 -13.79 -6.78 -20.31
CA THR A 240 -12.81 -7.08 -21.33
C THR A 240 -11.87 -8.18 -20.80
N ALA A 241 -10.86 -8.52 -21.59
CA ALA A 241 -9.68 -9.25 -21.12
C ALA A 241 -8.47 -8.67 -21.85
N PRO A 242 -8.15 -7.41 -21.57
CA PRO A 242 -7.29 -6.62 -22.47
C PRO A 242 -5.97 -7.25 -22.88
N GLU A 243 -5.81 -7.42 -24.19
CA GLU A 243 -4.51 -7.37 -24.84
C GLU A 243 -4.36 -6.04 -25.56
N LEU A 244 -5.30 -5.75 -26.47
CA LEU A 244 -5.66 -4.41 -26.93
C LEU A 244 -4.57 -3.72 -27.77
N GLU A 245 -3.35 -4.24 -27.73
CA GLU A 245 -2.25 -3.67 -28.51
C GLU A 245 -1.32 -4.73 -29.11
N GLU A 246 -1.38 -5.97 -28.64
CA GLU A 246 -0.65 -7.15 -29.10
C GLU A 246 0.82 -7.06 -28.71
N PHE A 247 1.28 -5.86 -28.35
CA PHE A 247 2.69 -5.60 -27.97
C PHE A 247 2.88 -4.10 -27.80
N MET B 17 24.02 17.43 11.89
CA MET B 17 24.76 17.10 10.68
C MET B 17 23.83 16.90 9.50
N THR B 18 22.70 16.24 9.75
CA THR B 18 21.65 16.04 8.77
C THR B 18 20.36 16.64 9.33
N ASN B 19 19.90 17.74 8.73
CA ASN B 19 18.80 18.52 9.27
C ASN B 19 17.52 18.26 8.51
N VAL B 20 16.40 18.24 9.22
CA VAL B 20 15.09 17.97 8.66
C VAL B 20 14.22 19.19 8.86
N LEU B 21 13.43 19.53 7.85
CA LEU B 21 12.44 20.59 7.94
C LEU B 21 11.06 19.97 7.98
N ILE B 22 10.33 20.18 9.07
CA ILE B 22 8.98 19.67 9.23
C ILE B 22 8.01 20.75 8.76
N VAL B 23 7.27 20.47 7.70
CA VAL B 23 6.24 21.37 7.19
C VAL B 23 4.91 20.72 7.52
N GLU B 24 4.28 21.15 8.62
CA GLU B 24 3.03 20.57 9.08
C GLU B 24 2.35 21.55 10.01
N ASP B 25 1.09 21.89 9.72
CA ASP B 25 0.44 22.95 10.49
C ASP B 25 0.02 22.47 11.88
N GLU B 26 -0.54 21.27 11.98
CA GLU B 26 -1.06 20.78 13.25
C GLU B 26 0.07 20.67 14.27
N GLN B 27 0.02 21.53 15.29
CA GLN B 27 1.09 21.58 16.29
C GLN B 27 1.30 20.22 16.93
N ALA B 28 0.27 19.39 16.95
CA ALA B 28 0.36 18.09 17.60
C ALA B 28 1.30 17.16 16.86
N ILE B 29 1.10 17.00 15.54
CA ILE B 29 1.93 16.08 14.77
C ILE B 29 3.37 16.57 14.73
N ARG B 30 3.57 17.89 14.78
CA ARG B 30 4.93 18.40 14.64
C ARG B 30 5.76 18.14 15.88
N ARG B 31 5.17 18.34 17.07
CA ARG B 31 5.90 18.02 18.29
C ARG B 31 6.26 16.55 18.32
N PHE B 32 5.34 15.69 17.89
CA PHE B 32 5.63 14.28 17.74
C PHE B 32 6.78 14.07 16.78
N LEU B 33 6.65 14.60 15.56
CA LEU B 33 7.71 14.46 14.57
C LEU B 33 9.04 15.00 15.09
N ARG B 34 9.02 16.19 15.68
CA ARG B 34 10.25 16.75 16.25
C ARG B 34 10.85 15.82 17.31
N THR B 35 10.03 15.41 18.27
CA THR B 35 10.51 14.55 19.35
C THR B 35 11.11 13.24 18.82
N ALA B 36 10.54 12.71 17.74
CA ALA B 36 11.00 11.43 17.21
C ALA B 36 12.29 11.56 16.42
N LEU B 37 12.40 12.60 15.59
CA LEU B 37 13.62 12.78 14.81
C LEU B 37 14.78 13.19 15.70
N GLU B 38 14.53 14.14 16.61
CA GLU B 38 15.58 14.62 17.51
C GLU B 38 16.17 13.48 18.33
N GLY B 39 15.39 12.41 18.57
CA GLY B 39 15.89 11.18 19.15
C GLY B 39 16.85 10.41 18.27
N ASP B 40 17.21 10.95 17.10
CA ASP B 40 18.28 10.45 16.27
C ASP B 40 19.27 11.58 16.02
N GLY B 41 20.42 11.22 15.44
CA GLY B 41 21.49 12.20 15.30
C GLY B 41 21.15 13.24 14.26
N MET B 42 20.18 14.09 14.60
CA MET B 42 19.41 14.84 13.62
C MET B 42 18.66 15.95 14.33
N ARG B 43 18.63 17.14 13.73
CA ARG B 43 17.87 18.25 14.29
C ARG B 43 16.91 18.80 13.26
N VAL B 44 15.80 19.36 13.75
CA VAL B 44 14.65 19.67 12.92
C VAL B 44 14.33 21.15 13.00
N PHE B 45 13.79 21.66 11.90
CA PHE B 45 13.13 22.96 11.84
C PHE B 45 11.66 22.74 11.51
N GLU B 46 10.85 23.78 11.65
CA GLU B 46 9.41 23.64 11.51
C GLU B 46 8.84 24.81 10.71
N ALA B 47 7.59 24.66 10.28
CA ALA B 47 6.89 25.74 9.60
C ALA B 47 5.39 25.46 9.64
N GLU B 48 4.62 26.31 10.30
CA GLU B 48 3.18 26.10 10.41
C GLU B 48 2.47 26.26 9.07
N THR B 49 3.13 26.80 8.05
CA THR B 49 2.46 27.14 6.81
C THR B 49 3.31 26.71 5.62
N LEU B 50 2.66 26.61 4.46
CA LEU B 50 3.38 26.33 3.22
C LEU B 50 4.32 27.47 2.89
N GLN B 51 3.90 28.72 3.15
CA GLN B 51 4.73 29.89 2.91
C GLN B 51 6.04 29.79 3.67
N ARG B 52 5.96 29.80 5.00
CA ARG B 52 7.17 29.73 5.81
C ARG B 52 7.95 28.45 5.52
N GLY B 53 7.24 27.38 5.12
CA GLY B 53 7.91 26.15 4.74
C GLY B 53 8.89 26.36 3.59
N LEU B 54 8.43 27.07 2.55
CA LEU B 54 9.33 27.42 1.46
C LEU B 54 10.49 28.28 1.94
N LEU B 55 10.25 29.13 2.94
CA LEU B 55 11.31 30.01 3.45
C LEU B 55 12.45 29.20 4.05
N GLU B 56 12.18 28.47 5.13
CA GLU B 56 13.25 27.67 5.75
C GLU B 56 13.75 26.55 4.85
N ALA B 57 13.17 26.40 3.66
CA ALA B 57 13.80 25.60 2.63
C ALA B 57 14.94 26.35 1.95
N ALA B 58 14.85 27.68 1.93
CA ALA B 58 15.97 28.51 1.49
C ALA B 58 16.92 28.81 2.65
N THR B 59 16.38 29.31 3.76
CA THR B 59 17.20 29.82 4.85
C THR B 59 18.04 28.73 5.50
N ARG B 60 17.59 27.48 5.48
CA ARG B 60 18.32 26.41 6.14
C ARG B 60 18.89 25.38 5.18
N LYS B 61 18.24 25.16 4.03
CA LYS B 61 18.62 24.14 3.06
C LYS B 61 18.81 22.81 3.79
N PRO B 62 17.73 22.15 4.20
CA PRO B 62 17.85 20.92 4.97
C PRO B 62 18.35 19.77 4.11
N ASP B 63 18.62 18.65 4.80
CA ASP B 63 18.98 17.41 4.12
C ASP B 63 17.77 16.64 3.62
N LEU B 64 16.60 16.85 4.21
CA LEU B 64 15.39 16.14 3.83
C LEU B 64 14.20 16.89 4.42
N ILE B 65 13.08 16.87 3.70
CA ILE B 65 11.89 17.63 4.06
C ILE B 65 10.73 16.68 4.30
N ILE B 66 9.92 16.97 5.32
CA ILE B 66 8.68 16.26 5.61
C ILE B 66 7.52 17.25 5.51
N LEU B 67 6.58 16.99 4.60
CA LEU B 67 5.46 17.91 4.44
C LEU B 67 4.15 17.13 4.34
N ASP B 68 3.17 17.53 5.16
CA ASP B 68 1.82 16.99 5.03
C ASP B 68 1.11 17.70 3.90
N LEU B 69 0.31 16.94 3.16
CA LEU B 69 -0.60 17.52 2.18
C LEU B 69 -1.85 18.12 2.79
N GLY B 70 -1.89 18.27 4.12
CA GLY B 70 -3.06 18.75 4.80
C GLY B 70 -3.08 20.26 4.93
N LEU B 71 -1.93 20.88 4.74
CA LEU B 71 -1.80 22.32 4.88
C LEU B 71 -2.92 23.03 4.12
N PRO B 72 -3.66 23.94 4.76
CA PRO B 72 -4.71 24.69 4.06
C PRO B 72 -4.21 25.87 3.24
N ASP B 73 -2.89 26.14 3.25
CA ASP B 73 -2.32 27.32 2.60
C ASP B 73 -2.59 27.38 1.10
N GLY B 74 -3.15 26.32 0.53
CA GLY B 74 -3.16 26.14 -0.92
C GLY B 74 -2.40 24.84 -1.10
N ASP B 75 -2.93 24.00 -1.97
CA ASP B 75 -2.47 22.62 -2.14
C ASP B 75 -0.95 22.53 -2.13
N GLY B 76 -0.43 21.62 -1.30
CA GLY B 76 1.00 21.42 -1.20
C GLY B 76 1.65 20.83 -2.42
N ILE B 77 0.85 20.40 -3.41
CA ILE B 77 1.40 19.83 -4.63
C ILE B 77 2.39 20.79 -5.28
N GLU B 78 1.97 22.04 -5.46
CA GLU B 78 2.84 23.00 -6.14
C GLU B 78 3.99 23.46 -5.25
N PHE B 79 3.92 23.22 -3.95
CA PHE B 79 5.08 23.47 -3.10
C PHE B 79 6.27 22.65 -3.56
N ILE B 80 6.05 21.38 -3.91
CA ILE B 80 7.16 20.55 -4.38
C ILE B 80 7.49 20.90 -5.81
N ARG B 81 6.49 21.29 -6.62
CA ARG B 81 6.77 21.78 -7.95
C ARG B 81 7.76 22.94 -7.90
N ASP B 82 7.43 23.99 -7.15
CA ASP B 82 8.33 25.12 -6.89
C ASP B 82 9.69 24.66 -6.41
N LEU B 83 9.72 24.02 -5.24
CA LEU B 83 10.92 23.55 -4.58
C LEU B 83 11.88 22.84 -5.53
N ARG B 84 11.33 22.04 -6.45
CA ARG B 84 12.16 21.25 -7.34
C ARG B 84 12.80 22.08 -8.45
N GLN B 85 12.27 23.27 -8.74
CA GLN B 85 12.86 24.09 -9.79
C GLN B 85 14.30 24.49 -9.47
N TRP B 86 14.68 24.53 -8.20
CA TRP B 86 16.07 24.73 -7.83
C TRP B 86 16.62 23.58 -6.99
N SER B 87 15.88 23.17 -5.96
CA SER B 87 16.37 22.23 -4.97
C SER B 87 16.07 20.80 -5.37
N ALA B 88 16.97 19.89 -4.97
CA ALA B 88 16.79 18.46 -5.11
C ALA B 88 16.80 17.78 -3.75
N VAL B 89 16.22 18.44 -2.75
CA VAL B 89 16.14 17.84 -1.43
C VAL B 89 15.09 16.73 -1.44
N PRO B 90 15.37 15.57 -0.84
CA PRO B 90 14.33 14.53 -0.76
C PRO B 90 13.15 15.02 0.06
N VAL B 91 11.95 14.66 -0.39
CA VAL B 91 10.71 15.13 0.20
C VAL B 91 9.85 13.93 0.56
N ILE B 92 9.68 13.68 1.86
CA ILE B 92 8.75 12.67 2.35
C ILE B 92 7.41 13.33 2.60
N VAL B 93 6.37 12.78 2.00
CA VAL B 93 5.05 13.41 1.99
C VAL B 93 4.12 12.65 2.93
N LEU B 94 3.28 13.40 3.65
CA LEU B 94 2.34 12.84 4.61
C LEU B 94 0.93 13.03 4.08
N SER B 95 0.17 11.95 3.99
CA SER B 95 -1.10 11.95 3.27
C SER B 95 -2.26 11.71 4.23
N ALA B 96 -3.02 12.77 4.51
CA ALA B 96 -4.21 12.64 5.34
C ALA B 96 -5.31 11.91 4.59
N ARG B 97 -5.67 12.42 3.41
CA ARG B 97 -6.61 11.76 2.52
C ARG B 97 -5.89 10.55 1.91
N SER B 98 -5.82 9.46 2.67
CA SER B 98 -5.06 8.32 2.20
C SER B 98 -5.88 7.58 1.13
N GLU B 99 -6.36 8.36 0.18
CA GLU B 99 -6.81 7.91 -1.13
C GLU B 99 -5.83 8.47 -2.15
N GLU B 100 -5.34 7.60 -3.02
CA GLU B 100 -3.98 7.73 -3.51
C GLU B 100 -3.76 8.89 -4.48
N SER B 101 -4.82 9.55 -4.96
CA SER B 101 -4.67 10.67 -5.88
C SER B 101 -3.64 11.68 -5.39
N ASP B 102 -3.72 12.06 -4.11
CA ASP B 102 -2.80 13.04 -3.55
C ASP B 102 -1.37 12.51 -3.55
N LYS B 103 -1.18 11.27 -3.10
CA LYS B 103 0.17 10.72 -2.99
C LYS B 103 0.83 10.58 -4.36
N ILE B 104 0.05 10.24 -5.39
CA ILE B 104 0.62 10.13 -6.73
C ILE B 104 1.05 11.51 -7.24
N ALA B 105 0.14 12.48 -7.16
CA ALA B 105 0.47 13.87 -7.50
C ALA B 105 1.78 14.30 -6.85
N ALA B 106 1.91 14.07 -5.54
CA ALA B 106 3.11 14.46 -4.84
C ALA B 106 4.33 13.74 -5.40
N LEU B 107 4.23 12.42 -5.53
CA LEU B 107 5.35 11.63 -6.05
C LEU B 107 5.68 12.01 -7.48
N ASP B 108 4.68 12.43 -8.25
CA ASP B 108 4.94 12.77 -9.66
C ASP B 108 5.64 14.12 -9.79
N ALA B 109 5.27 15.09 -8.96
CA ALA B 109 5.88 16.42 -9.01
C ALA B 109 7.24 16.48 -8.34
N GLY B 110 7.82 15.35 -7.95
CA GLY B 110 9.18 15.34 -7.42
C GLY B 110 9.35 14.71 -6.05
N ALA B 111 8.28 14.31 -5.36
CA ALA B 111 8.46 13.69 -4.06
C ALA B 111 9.24 12.38 -4.19
N ASP B 112 9.81 11.95 -3.07
CA ASP B 112 10.67 10.76 -3.03
C ASP B 112 9.99 9.56 -2.40
N ASP B 113 9.11 9.77 -1.42
CA ASP B 113 8.49 8.67 -0.68
C ASP B 113 7.24 9.23 0.00
N TYR B 114 6.50 8.35 0.67
CA TYR B 114 5.29 8.75 1.36
C TYR B 114 5.09 7.94 2.63
N LEU B 115 4.26 8.48 3.52
CA LEU B 115 3.72 7.75 4.67
C LEU B 115 2.24 8.08 4.81
N SER B 116 1.43 7.05 5.05
CA SER B 116 0.01 7.24 5.29
C SER B 116 -0.20 7.76 6.69
N LYS B 117 -1.25 8.59 6.86
CA LYS B 117 -1.17 9.54 7.96
C LYS B 117 -1.17 8.93 9.35
N PRO B 118 -1.78 7.78 9.61
CA PRO B 118 -1.35 7.04 10.82
C PRO B 118 -0.12 6.18 10.52
N PHE B 119 1.04 6.54 11.06
CA PHE B 119 2.30 5.87 10.75
C PHE B 119 3.14 5.73 12.00
N GLY B 120 4.12 4.80 11.95
CA GLY B 120 4.96 4.47 13.07
C GLY B 120 6.39 4.97 12.92
N ILE B 121 7.10 4.99 14.04
CA ILE B 121 8.42 5.62 14.12
C ILE B 121 9.46 4.72 13.45
N GLY B 122 9.02 3.58 12.92
CA GLY B 122 9.88 2.74 12.12
C GLY B 122 9.80 3.14 10.66
N GLU B 123 8.58 3.12 10.11
CA GLU B 123 8.38 3.54 8.72
C GLU B 123 8.90 4.96 8.49
N LEU B 124 8.75 5.83 9.50
CA LEU B 124 9.36 7.15 9.39
C LEU B 124 10.88 7.04 9.34
N GLN B 125 11.44 6.22 10.23
CA GLN B 125 12.89 6.03 10.26
C GLN B 125 13.37 5.32 9.00
N ALA B 126 12.63 4.32 8.53
CA ALA B 126 13.00 3.60 7.32
C ALA B 126 13.06 4.54 6.12
N ARG B 127 11.92 5.12 5.77
CA ARG B 127 11.83 5.89 4.53
C ARG B 127 12.66 7.16 4.56
N LEU B 128 13.30 7.49 5.69
CA LEU B 128 14.26 8.58 5.74
C LEU B 128 15.68 8.11 5.37
N ARG B 129 16.11 6.97 5.91
CA ARG B 129 17.38 6.40 5.51
C ARG B 129 17.41 6.19 3.99
N VAL B 130 16.41 5.48 3.46
CA VAL B 130 16.37 5.12 2.04
C VAL B 130 16.51 6.34 1.15
N ALA B 131 16.17 7.52 1.66
CA ALA B 131 16.26 8.75 0.90
C ALA B 131 17.39 9.65 1.36
N LEU B 132 18.16 9.21 2.36
CA LEU B 132 19.44 9.84 2.70
C LEU B 132 20.62 9.05 2.15
N ARG B 133 20.53 7.71 2.12
CA ARG B 133 21.48 6.91 1.38
C ARG B 133 21.33 7.09 -0.12
N ARG B 134 20.15 7.53 -0.58
CA ARG B 134 19.87 7.78 -1.98
C ARG B 134 20.22 9.21 -2.40
N HIS B 135 20.80 10.01 -1.51
CA HIS B 135 21.16 11.38 -1.81
C HIS B 135 22.49 11.75 -1.17
N SER B 136 23.49 10.87 -1.32
CA SER B 136 24.86 11.15 -0.85
C SER B 136 25.85 10.61 -1.87
N ALA B 137 26.69 11.52 -2.38
CA ALA B 137 27.74 11.26 -3.40
C ALA B 137 27.16 11.19 -4.82
N PRO B 143 28.21 0.02 -8.99
CA PRO B 143 27.93 0.25 -10.41
C PRO B 143 26.84 -0.66 -10.96
N LEU B 144 26.99 -1.97 -10.76
CA LEU B 144 26.13 -2.97 -11.38
C LEU B 144 25.93 -4.09 -10.35
N VAL B 145 24.74 -4.16 -9.75
CA VAL B 145 24.57 -4.81 -8.46
C VAL B 145 23.81 -6.13 -8.62
N LYS B 146 23.66 -6.85 -7.50
CA LYS B 146 23.10 -8.20 -7.46
C LYS B 146 22.19 -8.35 -6.26
N PHE B 147 20.98 -8.88 -6.47
CA PHE B 147 20.01 -9.06 -5.38
C PHE B 147 19.80 -10.55 -5.15
N SER B 148 20.72 -11.12 -4.34
CA SER B 148 20.61 -12.32 -3.52
C SER B 148 20.55 -13.65 -4.25
N ASP B 149 20.07 -13.67 -5.49
CA ASP B 149 20.11 -14.90 -6.27
C ASP B 149 20.36 -14.57 -7.74
N VAL B 150 19.95 -13.37 -8.12
CA VAL B 150 19.98 -12.89 -9.48
C VAL B 150 21.10 -11.88 -9.59
N THR B 151 21.97 -12.05 -10.58
CA THR B 151 23.01 -11.09 -10.89
C THR B 151 22.62 -10.35 -12.16
N VAL B 152 22.40 -9.04 -12.04
CA VAL B 152 22.09 -8.19 -13.18
C VAL B 152 23.29 -7.28 -13.42
N ASP B 153 23.67 -7.15 -14.69
CA ASP B 153 24.81 -6.32 -15.07
C ASP B 153 24.40 -5.50 -16.30
N LEU B 154 24.03 -4.24 -16.05
CA LEU B 154 23.52 -3.37 -17.10
C LEU B 154 24.56 -3.09 -18.17
N ALA B 155 25.84 -3.27 -17.85
CA ALA B 155 26.91 -2.99 -18.81
C ALA B 155 26.78 -3.86 -20.05
N ALA B 156 26.92 -5.18 -19.90
CA ALA B 156 26.82 -6.08 -21.03
C ALA B 156 25.38 -6.46 -21.38
N ARG B 157 24.42 -6.09 -20.53
CA ARG B 157 23.01 -6.47 -20.70
C ARG B 157 22.86 -7.99 -20.75
N VAL B 158 23.34 -8.63 -19.69
CA VAL B 158 23.17 -10.06 -19.46
C VAL B 158 22.87 -10.25 -17.99
N ILE B 159 21.98 -11.20 -17.67
CA ILE B 159 21.45 -11.33 -16.32
C ILE B 159 21.39 -12.81 -15.96
N HIS B 160 22.10 -13.18 -14.89
CA HIS B 160 22.10 -14.55 -14.36
C HIS B 160 21.09 -14.68 -13.23
N ARG B 161 20.44 -15.84 -13.16
CA ARG B 161 19.75 -16.28 -11.95
C ARG B 161 20.23 -17.69 -11.66
N GLY B 162 21.02 -17.84 -10.60
CA GLY B 162 21.63 -19.13 -10.32
C GLY B 162 22.54 -19.55 -11.46
N GLU B 163 23.64 -18.82 -11.64
CA GLU B 163 24.68 -19.07 -12.62
C GLU B 163 24.12 -19.43 -14.00
N GLU B 164 22.97 -18.88 -14.36
CA GLU B 164 22.29 -19.22 -15.60
C GLU B 164 21.67 -17.97 -16.20
N GLU B 165 22.03 -17.66 -17.45
CA GLU B 165 21.56 -16.45 -18.10
C GLU B 165 20.07 -16.52 -18.36
N VAL B 166 19.35 -15.44 -18.04
CA VAL B 166 17.93 -15.31 -18.33
C VAL B 166 17.77 -14.34 -19.48
N HIS B 167 16.96 -14.72 -20.47
CA HIS B 167 16.81 -13.95 -21.69
C HIS B 167 15.59 -13.03 -21.56
N LEU B 168 15.84 -11.72 -21.70
CA LEU B 168 14.85 -10.70 -21.43
C LEU B 168 14.69 -9.81 -22.66
N THR B 169 13.43 -9.60 -23.07
CA THR B 169 13.05 -8.67 -24.12
C THR B 169 13.72 -7.32 -23.86
N PRO B 170 14.14 -6.59 -24.90
CA PRO B 170 14.66 -5.23 -24.68
C PRO B 170 13.80 -4.40 -23.75
N ILE B 171 12.50 -4.31 -24.00
CA ILE B 171 11.60 -3.52 -23.16
C ILE B 171 11.67 -4.00 -21.71
N GLU B 172 11.57 -5.32 -21.51
CA GLU B 172 11.74 -5.89 -20.17
C GLU B 172 13.06 -5.43 -19.54
N PHE B 173 14.11 -5.30 -20.35
CA PHE B 173 15.40 -4.89 -19.77
C PHE B 173 15.40 -3.43 -19.41
N ARG B 174 14.72 -2.58 -20.19
CA ARG B 174 14.65 -1.17 -19.81
C ARG B 174 13.89 -1.02 -18.50
N LEU B 175 12.71 -1.67 -18.41
CA LEU B 175 11.90 -1.59 -17.20
C LEU B 175 12.67 -2.06 -15.98
N LEU B 176 13.41 -3.15 -16.11
CA LEU B 176 14.29 -3.60 -15.03
C LEU B 176 15.31 -2.51 -14.68
N ALA B 177 15.85 -1.84 -15.69
CA ALA B 177 16.94 -0.89 -15.45
C ALA B 177 16.44 0.36 -14.72
N VAL B 178 15.26 0.86 -15.09
CA VAL B 178 14.68 1.99 -14.35
C VAL B 178 14.55 1.64 -12.88
N LEU B 179 13.83 0.55 -12.59
CA LEU B 179 13.72 0.04 -11.23
C LEU B 179 15.09 -0.10 -10.58
N LEU B 180 16.02 -0.78 -11.28
CA LEU B 180 17.31 -1.14 -10.68
C LEU B 180 18.13 0.06 -10.24
N ASN B 181 17.96 1.20 -10.90
CA ASN B 181 18.70 2.39 -10.49
C ASN B 181 17.99 3.16 -9.39
N ASN B 182 16.68 2.96 -9.21
CA ASN B 182 15.92 3.68 -8.18
C ASN B 182 15.60 2.79 -6.99
N ALA B 183 16.56 1.96 -6.60
CA ALA B 183 16.39 1.05 -5.48
C ALA B 183 15.82 1.76 -4.27
N GLY B 184 14.69 1.25 -3.77
CA GLY B 184 14.12 1.72 -2.53
C GLY B 184 13.17 2.87 -2.64
N LYS B 185 12.84 3.30 -3.86
CA LYS B 185 11.99 4.46 -4.11
C LYS B 185 10.77 4.02 -4.89
N VAL B 186 9.58 4.48 -4.47
CA VAL B 186 8.37 4.15 -5.21
C VAL B 186 8.42 4.83 -6.57
N LEU B 187 7.86 4.15 -7.57
CA LEU B 187 7.69 4.69 -8.90
C LEU B 187 6.21 4.56 -9.23
N THR B 188 5.59 5.66 -9.62
CA THR B 188 4.17 5.61 -9.94
C THR B 188 3.94 5.02 -11.33
N GLN B 189 2.68 4.66 -11.58
CA GLN B 189 2.29 4.14 -12.88
C GLN B 189 2.74 5.04 -14.03
N ARG B 190 2.83 6.34 -13.80
CA ARG B 190 3.18 7.29 -14.86
C ARG B 190 4.69 7.43 -15.03
N GLN B 191 5.42 7.62 -13.92
CA GLN B 191 6.88 7.63 -13.99
C GLN B 191 7.42 6.43 -14.76
N LEU B 192 6.87 5.24 -14.50
CA LEU B 192 7.39 4.04 -15.15
C LEU B 192 7.07 4.01 -16.64
N LEU B 193 5.83 4.36 -17.01
CA LEU B 193 5.45 4.34 -18.42
C LEU B 193 6.33 5.28 -19.24
N ASN B 194 6.40 6.55 -18.84
CA ASN B 194 7.14 7.55 -19.61
C ASN B 194 8.62 7.21 -19.74
N GLN B 195 9.17 6.42 -18.82
CA GLN B 195 10.57 6.04 -18.86
C GLN B 195 10.81 4.68 -19.51
N VAL B 196 9.77 4.03 -20.01
CA VAL B 196 9.89 2.78 -20.73
C VAL B 196 9.36 2.89 -22.15
N TRP B 197 8.25 3.62 -22.33
CA TRP B 197 7.80 4.02 -23.66
C TRP B 197 8.01 5.51 -23.90
N GLY B 198 7.46 6.34 -23.05
CA GLY B 198 7.37 7.77 -23.29
C GLY B 198 5.95 8.24 -23.11
N PRO B 199 5.68 9.48 -23.49
CA PRO B 199 4.33 10.05 -23.27
C PRO B 199 3.27 9.51 -24.22
N ASN B 200 3.57 8.47 -25.00
CA ASN B 200 2.60 7.94 -25.95
C ASN B 200 1.36 7.40 -25.25
N ALA B 201 1.52 6.32 -24.50
CA ALA B 201 0.39 5.55 -23.97
C ALA B 201 0.16 5.94 -22.52
N VAL B 202 -0.52 7.06 -22.33
CA VAL B 202 -0.91 7.46 -20.98
C VAL B 202 -1.99 6.53 -20.44
N GLU B 203 -2.79 5.93 -21.33
CA GLU B 203 -3.92 5.10 -20.93
C GLU B 203 -3.65 3.60 -21.05
N HIS B 204 -2.83 3.18 -22.01
CA HIS B 204 -2.55 1.76 -22.23
C HIS B 204 -1.57 1.25 -21.17
N SER B 205 -2.01 1.32 -19.91
CA SER B 205 -1.13 1.06 -18.78
C SER B 205 -0.94 -0.43 -18.51
N HIS B 206 -1.96 -1.25 -18.81
CA HIS B 206 -1.96 -2.67 -18.45
C HIS B 206 -0.71 -3.41 -18.88
N TYR B 207 0.04 -2.87 -19.83
CA TYR B 207 1.29 -3.51 -20.22
C TYR B 207 2.35 -3.38 -19.13
N LEU B 208 2.39 -2.23 -18.46
CA LEU B 208 3.32 -2.05 -17.34
C LEU B 208 3.11 -3.11 -16.28
N ARG B 209 1.85 -3.44 -16.00
CA ARG B 209 1.56 -4.42 -14.96
C ARG B 209 1.84 -5.84 -15.43
N ILE B 210 1.63 -6.12 -16.72
CA ILE B 210 1.94 -7.44 -17.25
C ILE B 210 3.45 -7.64 -17.32
N TYR B 211 4.15 -6.70 -17.94
CA TYR B 211 5.60 -6.85 -18.05
C TYR B 211 6.24 -7.00 -16.68
N MET B 212 5.80 -6.19 -15.71
CA MET B 212 6.25 -6.36 -14.33
C MET B 212 5.96 -7.77 -13.81
N GLY B 213 4.85 -8.37 -14.23
CA GLY B 213 4.62 -9.77 -13.94
C GLY B 213 5.61 -10.69 -14.63
N HIS B 214 5.96 -10.38 -15.90
CA HIS B 214 7.01 -11.13 -16.59
C HIS B 214 8.34 -11.02 -15.87
N LEU B 215 8.70 -9.81 -15.43
CA LEU B 215 9.90 -9.64 -14.64
C LEU B 215 9.83 -10.45 -13.35
N ARG B 216 8.65 -10.46 -12.71
CA ARG B 216 8.45 -11.25 -11.50
C ARG B 216 8.65 -12.74 -11.76
N GLN B 217 8.00 -13.27 -12.80
CA GLN B 217 7.98 -14.71 -13.06
C GLN B 217 9.38 -15.27 -13.32
N LYS B 218 10.32 -14.44 -13.74
CA LYS B 218 11.61 -14.92 -14.21
C LYS B 218 12.77 -14.55 -13.29
N LEU B 219 12.53 -13.75 -12.25
CA LEU B 219 13.63 -13.31 -11.40
C LEU B 219 13.29 -13.37 -9.90
N GLU B 220 12.22 -14.03 -9.51
CA GLU B 220 11.78 -14.04 -8.12
C GLU B 220 11.62 -15.47 -7.62
N GLN B 221 12.20 -15.75 -6.44
CA GLN B 221 12.09 -17.07 -5.83
C GLN B 221 10.63 -17.53 -5.79
N ASP B 222 9.76 -16.68 -5.26
CA ASP B 222 8.32 -16.93 -5.28
C ASP B 222 7.67 -15.73 -5.95
N PRO B 223 7.18 -15.85 -7.19
CA PRO B 223 6.67 -14.66 -7.90
C PRO B 223 5.51 -14.00 -7.17
N ALA B 224 4.57 -14.75 -6.62
CA ALA B 224 3.45 -14.17 -5.89
C ALA B 224 3.83 -13.71 -4.49
N ARG B 225 5.08 -13.93 -4.06
CA ARG B 225 5.58 -13.40 -2.79
C ARG B 225 6.87 -12.64 -3.05
N PRO B 226 6.81 -11.57 -3.84
CA PRO B 226 8.06 -10.92 -4.27
C PRO B 226 8.85 -10.43 -3.08
N ARG B 227 10.17 -10.58 -3.17
CA ARG B 227 11.07 -10.00 -2.19
C ARG B 227 11.70 -8.71 -2.68
N HIS B 228 11.74 -8.50 -3.99
CA HIS B 228 12.40 -7.34 -4.59
C HIS B 228 11.46 -6.51 -5.44
N PHE B 229 10.59 -7.14 -6.22
CA PHE B 229 9.65 -6.40 -7.07
C PHE B 229 8.34 -6.23 -6.30
N ILE B 230 8.34 -5.24 -5.42
CA ILE B 230 7.23 -5.01 -4.50
C ILE B 230 6.11 -4.25 -5.21
N THR B 231 4.88 -4.73 -5.04
CA THR B 231 3.70 -3.98 -5.47
C THR B 231 3.31 -2.95 -4.41
N GLU B 232 2.90 -1.77 -4.86
CA GLU B 232 2.47 -0.69 -3.97
C GLU B 232 1.09 -0.26 -4.45
N THR B 233 0.05 -0.97 -4.00
CA THR B 233 -1.24 -0.90 -4.66
C THR B 233 -1.79 0.52 -4.64
N GLY B 234 -2.48 0.88 -5.72
CA GLY B 234 -2.95 2.23 -5.91
C GLY B 234 -1.89 3.24 -6.29
N ILE B 235 -0.61 2.94 -6.04
CA ILE B 235 0.47 3.89 -6.31
C ILE B 235 1.30 3.46 -7.50
N GLY B 236 1.95 2.29 -7.38
CA GLY B 236 2.89 1.86 -8.39
C GLY B 236 3.72 0.66 -7.98
N TYR B 237 5.04 0.75 -8.15
CA TYR B 237 5.95 -0.33 -7.80
C TYR B 237 7.19 0.24 -7.13
N ARG B 238 7.95 -0.62 -6.47
CA ARG B 238 9.17 -0.20 -5.80
C ARG B 238 10.12 -1.40 -5.73
N PHE B 239 11.32 -1.24 -6.31
CA PHE B 239 12.32 -2.29 -6.23
C PHE B 239 13.07 -2.24 -4.89
N MET B 240 13.46 -3.42 -4.41
CA MET B 240 14.12 -3.56 -3.12
C MET B 240 15.33 -4.47 -3.24
N LEU B 241 16.33 -4.19 -2.41
CA LEU B 241 17.53 -5.01 -2.25
C LEU B 241 18.15 -5.41 -3.58
#